data_6RWC
#
_entry.id   6RWC
#
_cell.length_a   47.176
_cell.length_b   101.047
_cell.length_c   36.907
_cell.angle_alpha   90.000
_cell.angle_beta   90.000
_cell.angle_gamma   90.000
#
_symmetry.space_group_name_H-M   'P 21 21 2'
#
loop_
_entity.id
_entity.type
_entity.pdbx_description
1 polymer 'chicken beta-microseminoprotein-like 3'
2 non-polymer 'SULFATE ION'
3 non-polymer 'CITRIC ACID'
4 non-polymer 1,2-ETHANEDIOL
5 non-polymer 'PENTAETHYLENE GLYCOL'
6 water water
#
_entity_poly.entity_id   1
_entity_poly.type   'polypeptide(L)'
_entity_poly.pdbx_seq_one_letter_code
;RCYFRTSSKYGCISNRNLYVFGAVWKTEDCYQCKCKMNAMVCCSLVSIPKNYDRVNCVGLFHKKSCSIRVVKKTDPDISC
KVYNGVG
;
_entity_poly.pdbx_strand_id   A,B
#
# COMPACT_ATOMS: atom_id res chain seq x y z
N ARG A 1 -7.20 0.74 -0.42
CA ARG A 1 -7.91 0.43 -1.65
C ARG A 1 -8.27 -1.04 -1.70
N CYS A 2 -9.41 -1.37 -2.31
CA CYS A 2 -9.94 -2.72 -2.31
C CYS A 2 -9.85 -3.33 -3.70
N TYR A 3 -9.74 -4.66 -3.73
CA TYR A 3 -9.71 -5.43 -4.96
C TYR A 3 -10.71 -6.58 -4.86
N PHE A 4 -11.18 -7.04 -6.01
CA PHE A 4 -12.28 -8.00 -6.06
C PHE A 4 -11.97 -9.15 -7.00
N ARG A 5 -12.60 -10.28 -6.73
CA ARG A 5 -12.54 -11.45 -7.60
C ARG A 5 -13.79 -12.28 -7.38
N THR A 6 -14.53 -12.53 -8.45
CA THR A 6 -15.80 -13.25 -8.35
C THR A 6 -15.62 -14.58 -7.63
N SER A 7 -16.60 -14.94 -6.82
CA SER A 7 -16.54 -16.13 -5.98
C SER A 7 -17.08 -17.35 -6.72
N SER A 8 -16.64 -18.52 -6.29
CA SER A 8 -17.11 -19.78 -6.81
C SER A 8 -18.40 -20.20 -6.09
N LYS A 9 -18.98 -21.33 -6.52
CA LYS A 9 -20.19 -21.80 -5.87
C LYS A 9 -19.94 -22.28 -4.44
N TYR A 10 -18.75 -22.83 -4.18
CA TYR A 10 -18.43 -23.35 -2.86
C TYR A 10 -17.67 -22.36 -1.98
N GLY A 11 -17.27 -21.23 -2.51
CA GLY A 11 -16.53 -20.24 -1.75
C GLY A 11 -15.65 -19.43 -2.67
N CYS A 12 -14.60 -18.84 -2.09
CA CYS A 12 -13.65 -18.01 -2.82
C CYS A 12 -12.36 -18.79 -3.00
N ILE A 13 -12.03 -19.10 -4.25
CA ILE A 13 -10.81 -19.84 -4.58
C ILE A 13 -9.71 -18.84 -4.88
N SER A 14 -8.66 -18.85 -4.06
CA SER A 14 -7.56 -17.89 -4.19
C SER A 14 -6.26 -18.67 -4.22
N ASN A 15 -5.88 -19.10 -5.43
CA ASN A 15 -4.61 -19.78 -5.68
C ASN A 15 -4.51 -21.04 -4.81
N ARG A 16 -5.26 -22.05 -5.23
CA ARG A 16 -5.13 -23.41 -4.72
C ARG A 16 -5.84 -23.56 -3.39
N ASN A 17 -6.21 -22.45 -2.76
CA ASN A 17 -6.92 -22.45 -1.50
C ASN A 17 -8.41 -22.15 -1.71
N LEU A 18 -9.23 -22.69 -0.83
CA LEU A 18 -10.67 -22.42 -0.83
C LEU A 18 -11.05 -21.80 0.50
N TYR A 19 -11.67 -20.61 0.45
CA TYR A 19 -12.16 -19.91 1.62
C TYR A 19 -13.68 -19.96 1.62
N VAL A 20 -14.26 -20.42 2.74
CA VAL A 20 -15.72 -20.50 2.83
C VAL A 20 -16.31 -19.10 2.88
N PHE A 21 -17.60 -19.00 2.56
CA PHE A 21 -18.31 -17.74 2.63
C PHE A 21 -18.38 -17.26 4.07
N GLY A 22 -18.01 -16.01 4.30
CA GLY A 22 -17.93 -15.44 5.63
C GLY A 22 -16.55 -15.44 6.23
N ALA A 23 -15.59 -16.13 5.60
CA ALA A 23 -14.24 -16.16 6.12
C ALA A 23 -13.58 -14.78 5.98
N VAL A 24 -12.82 -14.40 7.00
CA VAL A 24 -12.06 -13.15 7.02
C VAL A 24 -10.64 -13.48 7.42
N TRP A 25 -9.67 -12.93 6.68
CA TRP A 25 -8.27 -13.24 6.97
C TRP A 25 -7.39 -12.09 6.47
N LYS A 26 -6.21 -12.00 7.07
CA LYS A 26 -5.20 -11.01 6.70
C LYS A 26 -4.13 -11.69 5.86
N THR A 27 -3.66 -10.99 4.83
CA THR A 27 -2.70 -11.56 3.90
C THR A 27 -1.28 -11.25 4.35
N GLU A 28 -0.31 -11.75 3.59
CA GLU A 28 1.10 -11.50 3.89
C GLU A 28 1.51 -10.08 3.51
N ASP A 29 0.74 -9.40 2.66
CA ASP A 29 1.05 -8.04 2.23
C ASP A 29 0.06 -7.02 2.80
N CYS A 30 -0.46 -7.30 4.00
CA CYS A 30 -1.24 -6.32 4.76
C CYS A 30 -2.53 -5.92 4.05
N TYR A 31 -3.23 -6.92 3.51
CA TYR A 31 -4.61 -6.78 3.08
C TYR A 31 -5.50 -7.61 3.98
N GLN A 32 -6.72 -7.14 4.21
CA GLN A 32 -7.74 -7.96 4.86
C GLN A 32 -8.76 -8.37 3.80
N CYS A 33 -8.96 -9.67 3.67
CA CYS A 33 -9.89 -10.23 2.70
C CYS A 33 -11.10 -10.81 3.41
N LYS A 34 -12.25 -10.75 2.73
CA LYS A 34 -13.45 -11.42 3.19
C LYS A 34 -14.11 -12.12 2.00
N CYS A 35 -14.51 -13.36 2.20
CA CYS A 35 -15.19 -14.14 1.17
C CYS A 35 -16.69 -13.91 1.30
N LYS A 36 -17.25 -13.12 0.39
CA LYS A 36 -18.68 -12.86 0.34
C LYS A 36 -19.31 -13.67 -0.78
N MET A 37 -20.63 -13.80 -0.71
CA MET A 37 -21.36 -14.64 -1.67
C MET A 37 -21.14 -14.17 -3.10
N ASN A 38 -21.04 -12.86 -3.31
CA ASN A 38 -20.84 -12.33 -4.66
C ASN A 38 -19.39 -12.49 -5.11
N ALA A 39 -18.43 -12.17 -4.23
CA ALA A 39 -17.02 -12.20 -4.62
C ALA A 39 -16.16 -12.11 -3.37
N MET A 40 -14.86 -12.32 -3.58
CA MET A 40 -13.87 -12.03 -2.56
C MET A 40 -13.49 -10.56 -2.63
N VAL A 41 -13.39 -9.92 -1.48
CA VAL A 41 -13.04 -8.50 -1.40
C VAL A 41 -11.83 -8.37 -0.48
N CYS A 42 -10.74 -7.80 -1.02
CA CYS A 42 -9.52 -7.58 -0.27
C CYS A 42 -9.18 -6.10 -0.28
N CYS A 43 -9.02 -5.51 0.90
CA CYS A 43 -8.72 -4.09 1.04
C CYS A 43 -7.39 -3.91 1.76
N SER A 44 -6.61 -2.94 1.32
CA SER A 44 -5.32 -2.66 1.93
C SER A 44 -5.52 -2.10 3.33
N LEU A 45 -4.72 -2.61 4.29
CA LEU A 45 -4.79 -2.15 5.67
C LEU A 45 -3.87 -0.99 5.97
N VAL A 46 -2.86 -0.75 5.13
CA VAL A 46 -1.82 0.24 5.40
C VAL A 46 -2.33 1.61 4.94
N SER A 47 -2.56 2.50 5.91
CA SER A 47 -2.87 3.89 5.60
C SER A 47 -1.59 4.69 5.40
N ILE A 48 -1.56 5.48 4.33
CA ILE A 48 -0.39 6.30 4.00
C ILE A 48 -0.53 7.63 4.72
N PRO A 49 0.41 8.00 5.59
CA PRO A 49 0.34 9.32 6.24
C PRO A 49 0.48 10.43 5.20
N LYS A 50 -0.47 11.35 5.22
CA LYS A 50 -0.61 12.34 4.16
C LYS A 50 0.22 13.60 4.39
N ASN A 51 0.03 14.27 5.52
CA ASN A 51 0.62 15.58 5.76
C ASN A 51 1.40 15.56 7.07
N TYR A 52 2.72 15.67 6.98
CA TYR A 52 3.58 15.74 8.16
C TYR A 52 4.93 16.30 7.74
N ASP A 53 5.74 16.62 8.75
CA ASP A 53 7.07 17.20 8.55
C ASP A 53 8.04 16.09 8.16
N ARG A 54 8.12 15.81 6.86
CA ARG A 54 9.00 14.76 6.37
C ARG A 54 10.48 15.15 6.47
N VAL A 55 10.81 16.37 6.89
CA VAL A 55 12.20 16.75 7.06
C VAL A 55 12.73 16.27 8.40
N ASN A 56 11.93 16.38 9.46
CA ASN A 56 12.34 15.96 10.79
C ASN A 56 11.62 14.71 11.27
N CYS A 57 10.69 14.18 10.49
CA CYS A 57 9.94 12.98 10.86
C CYS A 57 10.07 11.93 9.76
N VAL A 58 9.86 10.68 10.16
CA VAL A 58 9.97 9.54 9.26
C VAL A 58 8.92 8.51 9.65
N GLY A 59 8.36 7.84 8.65
CA GLY A 59 7.37 6.81 8.91
C GLY A 59 8.04 5.48 9.21
N LEU A 60 7.61 4.85 10.29
CA LEU A 60 8.08 3.52 10.67
C LEU A 60 6.99 2.51 10.38
N PHE A 61 7.29 1.54 9.52
CA PHE A 61 6.33 0.50 9.17
C PHE A 61 6.40 -0.64 10.18
N HIS A 62 5.25 -1.05 10.69
CA HIS A 62 5.15 -2.17 11.62
C HIS A 62 4.31 -3.26 10.94
N LYS A 63 4.92 -4.43 10.74
CA LYS A 63 4.28 -5.47 9.94
C LYS A 63 3.05 -6.03 10.64
N LYS A 64 3.15 -6.28 11.95
CA LYS A 64 2.04 -6.93 12.66
C LYS A 64 0.79 -6.05 12.68
N SER A 65 0.96 -4.75 12.92
CA SER A 65 -0.16 -3.83 12.93
C SER A 65 -0.52 -3.30 11.55
N CYS A 66 0.30 -3.56 10.54
CA CYS A 66 0.08 -3.09 9.17
C CYS A 66 -0.14 -1.59 9.14
N SER A 67 0.76 -0.86 9.79
CA SER A 67 0.59 0.57 10.00
C SER A 67 1.92 1.27 9.80
N ILE A 68 1.84 2.57 9.50
CA ILE A 68 2.99 3.45 9.38
C ILE A 68 2.84 4.51 10.46
N ARG A 69 3.74 4.48 11.44
CA ARG A 69 3.74 5.45 12.52
C ARG A 69 4.83 6.49 12.27
N VAL A 70 4.43 7.75 12.24
CA VAL A 70 5.35 8.85 11.94
C VAL A 70 5.99 9.32 13.25
N VAL A 71 7.33 9.23 13.31
CA VAL A 71 8.08 9.53 14.53
C VAL A 71 9.20 10.50 14.18
N LYS A 72 9.79 11.08 15.23
CA LYS A 72 10.90 12.00 15.06
C LYS A 72 12.17 11.25 14.65
N LYS A 73 12.93 11.84 13.72
CA LYS A 73 14.18 11.21 13.30
C LYS A 73 15.19 11.17 14.43
N THR A 74 15.20 12.20 15.28
CA THR A 74 16.13 12.23 16.40
C THR A 74 15.70 11.33 17.55
N ASP A 75 14.40 11.03 17.66
CA ASP A 75 13.89 10.20 18.74
C ASP A 75 12.68 9.44 18.24
N PRO A 76 12.86 8.22 17.75
CA PRO A 76 11.72 7.44 17.23
C PRO A 76 10.70 7.08 18.30
N ASP A 77 10.98 7.32 19.58
CA ASP A 77 9.99 7.11 20.63
C ASP A 77 8.94 8.22 20.66
N ILE A 78 9.19 9.35 19.99
CA ILE A 78 8.28 10.48 19.99
C ILE A 78 7.55 10.49 18.64
N SER A 79 6.21 10.44 18.69
CA SER A 79 5.42 10.50 17.47
C SER A 79 5.28 11.95 17.00
N CYS A 80 5.22 12.12 15.69
CA CYS A 80 5.00 13.43 15.10
C CYS A 80 3.52 13.66 14.84
N LYS A 81 3.13 14.93 14.84
CA LYS A 81 1.77 15.29 14.47
C LYS A 81 1.54 15.02 12.99
N VAL A 82 0.48 14.29 12.68
CA VAL A 82 0.10 13.99 11.30
C VAL A 82 -1.31 14.54 11.08
N TYR A 83 -1.48 15.27 9.99
CA TYR A 83 -2.77 15.85 9.63
C TYR A 83 -3.47 14.95 8.61
N ASN A 84 -4.79 14.87 8.74
CA ASN A 84 -5.59 14.00 7.89
C ASN A 84 -5.75 14.57 6.49
N ARG B 1 0.79 -4.53 -7.90
CA ARG B 1 -0.66 -4.51 -7.83
C ARG B 1 -1.20 -3.27 -8.54
N CYS B 2 -1.87 -3.47 -9.67
CA CYS B 2 -2.39 -2.39 -10.48
C CYS B 2 -3.90 -2.50 -10.61
N TYR B 3 -4.55 -1.35 -10.79
CA TYR B 3 -5.97 -1.28 -11.12
C TYR B 3 -6.15 -0.39 -12.33
N PHE B 4 -7.23 -0.63 -13.07
CA PHE B 4 -7.46 0.03 -14.35
C PHE B 4 -8.84 0.66 -14.40
N ARG B 5 -8.97 1.68 -15.24
CA ARG B 5 -10.23 2.38 -15.44
C ARG B 5 -10.18 3.06 -16.80
N THR B 6 -11.21 2.84 -17.61
CA THR B 6 -11.24 3.36 -18.98
C THR B 6 -11.13 4.89 -18.97
N SER B 7 -10.36 5.41 -19.92
CA SER B 7 -10.13 6.84 -20.03
C SER B 7 -11.22 7.51 -20.84
N SER B 8 -11.38 8.82 -20.64
CA SER B 8 -12.35 9.59 -21.40
C SER B 8 -11.78 9.86 -22.79
N LYS B 9 -12.47 10.69 -23.57
CA LYS B 9 -12.02 10.97 -24.93
C LYS B 9 -10.80 11.88 -24.95
N TYR B 10 -10.74 12.83 -24.02
CA TYR B 10 -9.67 13.83 -24.00
C TYR B 10 -8.60 13.57 -22.96
N GLY B 11 -8.78 12.57 -22.09
CA GLY B 11 -7.80 12.28 -21.07
C GLY B 11 -8.42 11.48 -19.94
N CYS B 12 -7.79 11.59 -18.77
CA CYS B 12 -8.22 10.87 -17.58
C CYS B 12 -8.71 11.90 -16.55
N ILE B 13 -10.02 12.02 -16.41
CA ILE B 13 -10.60 12.94 -15.45
C ILE B 13 -10.66 12.24 -14.10
N SER B 14 -9.78 12.63 -13.17
CA SER B 14 -9.71 12.03 -11.85
C SER B 14 -9.87 13.14 -10.81
N ASN B 15 -10.92 13.04 -9.99
CA ASN B 15 -11.22 14.01 -8.94
C ASN B 15 -11.41 15.41 -9.53
N ARG B 16 -12.28 15.50 -10.54
CA ARG B 16 -12.62 16.75 -11.21
C ARG B 16 -11.42 17.37 -11.94
N ASN B 17 -10.23 16.79 -11.75
CA ASN B 17 -9.01 17.25 -12.40
C ASN B 17 -8.71 16.35 -13.58
N LEU B 18 -8.42 16.95 -14.73
CA LEU B 18 -8.13 16.21 -15.94
C LEU B 18 -6.62 16.03 -16.09
N TYR B 19 -6.21 14.77 -16.28
CA TYR B 19 -4.83 14.44 -16.62
C TYR B 19 -4.77 14.08 -18.11
N VAL B 20 -3.91 14.78 -18.85
CA VAL B 20 -3.79 14.53 -20.28
C VAL B 20 -3.14 13.17 -20.51
N PHE B 21 -3.25 12.69 -21.75
CA PHE B 21 -2.59 11.45 -22.12
C PHE B 21 -1.08 11.59 -21.97
N GLY B 22 -0.45 10.56 -21.42
CA GLY B 22 0.96 10.60 -21.11
C GLY B 22 1.32 11.16 -19.76
N ALA B 23 0.35 11.73 -19.04
CA ALA B 23 0.63 12.28 -17.73
C ALA B 23 0.84 11.17 -16.71
N VAL B 24 1.73 11.44 -15.75
CA VAL B 24 2.03 10.52 -14.67
C VAL B 24 1.93 11.27 -13.36
N TRP B 25 1.29 10.65 -12.36
CA TRP B 25 1.13 11.29 -11.06
C TRP B 25 1.00 10.24 -9.97
N LYS B 26 1.17 10.68 -8.74
CA LYS B 26 1.05 9.82 -7.57
C LYS B 26 -0.25 10.12 -6.84
N THR B 27 -0.85 9.08 -6.26
CA THR B 27 -2.05 9.26 -5.47
C THR B 27 -1.71 9.39 -3.99
N GLU B 28 -2.73 9.70 -3.18
CA GLU B 28 -2.51 9.87 -1.75
C GLU B 28 -2.11 8.56 -1.08
N ASP B 29 -2.61 7.43 -1.58
CA ASP B 29 -2.27 6.11 -1.06
C ASP B 29 -1.13 5.46 -1.84
N CYS B 30 -0.27 6.28 -2.45
CA CYS B 30 1.01 5.83 -3.00
C CYS B 30 0.84 4.90 -4.21
N TYR B 31 -0.05 5.27 -5.13
CA TYR B 31 -0.14 4.63 -6.43
C TYR B 31 0.41 5.57 -7.50
N GLN B 32 1.11 5.01 -8.49
CA GLN B 32 1.61 5.76 -9.63
C GLN B 32 0.67 5.55 -10.80
N CYS B 33 -0.09 6.58 -11.14
CA CYS B 33 -1.08 6.51 -12.20
C CYS B 33 -0.50 7.11 -13.49
N LYS B 34 -0.80 6.46 -14.61
CA LYS B 34 -0.44 6.97 -15.93
C LYS B 34 -1.68 6.96 -16.81
N CYS B 35 -1.87 8.05 -17.55
CA CYS B 35 -3.04 8.19 -18.43
C CYS B 35 -2.63 7.77 -19.83
N LYS B 36 -3.18 6.65 -20.29
CA LYS B 36 -2.95 6.15 -21.63
C LYS B 36 -4.23 6.23 -22.44
N MET B 37 -4.08 6.07 -23.77
CA MET B 37 -5.21 6.21 -24.68
C MET B 37 -6.36 5.29 -24.29
N ASN B 38 -6.05 4.03 -23.99
CA ASN B 38 -7.11 3.09 -23.61
C ASN B 38 -7.69 3.42 -22.25
N ALA B 39 -6.84 3.56 -21.23
CA ALA B 39 -7.32 3.63 -19.86
C ALA B 39 -6.28 4.28 -18.97
N MET B 40 -6.69 4.56 -17.74
CA MET B 40 -5.79 5.00 -16.68
C MET B 40 -5.23 3.78 -15.98
N VAL B 41 -3.91 3.72 -15.85
CA VAL B 41 -3.22 2.60 -15.23
C VAL B 41 -2.55 3.12 -13.97
N CYS B 42 -2.93 2.54 -12.82
CA CYS B 42 -2.39 2.94 -11.53
C CYS B 42 -1.80 1.71 -10.86
N CYS B 43 -0.52 1.76 -10.52
CA CYS B 43 0.17 0.64 -9.89
C CYS B 43 0.76 1.09 -8.56
N SER B 44 0.70 0.21 -7.57
CA SER B 44 1.15 0.54 -6.22
C SER B 44 2.66 0.74 -6.18
N LEU B 45 3.10 1.82 -5.54
CA LEU B 45 4.52 2.07 -5.34
C LEU B 45 5.05 1.46 -4.04
N VAL B 46 4.19 1.19 -3.08
CA VAL B 46 4.61 0.63 -1.80
C VAL B 46 4.64 -0.89 -1.90
N SER B 47 5.78 -1.48 -1.60
CA SER B 47 5.92 -2.93 -1.50
C SER B 47 6.03 -3.31 -0.02
N ILE B 48 5.14 -4.18 0.43
CA ILE B 48 5.12 -4.57 1.84
C ILE B 48 6.18 -5.64 2.07
N PRO B 49 7.16 -5.39 2.94
CA PRO B 49 8.15 -6.43 3.25
C PRO B 49 7.52 -7.57 4.03
N LYS B 50 7.80 -8.80 3.59
CA LYS B 50 7.17 -9.99 4.12
C LYS B 50 8.00 -10.66 5.21
N ASN B 51 9.20 -11.13 4.87
CA ASN B 51 10.01 -11.95 5.78
C ASN B 51 11.34 -11.25 6.03
N TYR B 52 11.55 -10.78 7.26
CA TYR B 52 12.80 -10.12 7.64
C TYR B 52 12.92 -10.13 9.16
N ASP B 53 14.13 -9.83 9.63
CA ASP B 53 14.40 -9.72 11.06
C ASP B 53 13.63 -8.56 11.67
N ARG B 54 12.39 -8.79 12.10
CA ARG B 54 11.56 -7.71 12.63
C ARG B 54 12.01 -7.24 14.01
N VAL B 55 12.90 -7.97 14.68
CA VAL B 55 13.36 -7.53 15.99
C VAL B 55 14.47 -6.48 15.86
N ASN B 56 15.44 -6.72 14.97
CA ASN B 56 16.56 -5.81 14.80
C ASN B 56 16.41 -4.85 13.64
N CYS B 57 15.41 -5.05 12.77
CA CYS B 57 15.23 -4.23 11.60
C CYS B 57 13.81 -3.66 11.59
N VAL B 58 13.65 -2.57 10.83
CA VAL B 58 12.38 -1.86 10.75
C VAL B 58 12.26 -1.28 9.34
N GLY B 59 11.03 -1.21 8.84
CA GLY B 59 10.79 -0.60 7.54
C GLY B 59 10.65 0.90 7.69
N LEU B 60 11.41 1.64 6.87
CA LEU B 60 11.34 3.09 6.84
C LEU B 60 10.53 3.52 5.61
N PHE B 61 9.46 4.26 5.85
CA PHE B 61 8.62 4.75 4.76
C PHE B 61 9.12 6.11 4.30
N HIS B 62 9.39 6.22 3.01
CA HIS B 62 9.76 7.49 2.38
C HIS B 62 8.51 8.07 1.72
N LYS B 63 8.13 9.28 2.17
CA LYS B 63 6.90 9.89 1.71
C LYS B 63 6.97 10.25 0.23
N LYS B 64 8.07 10.88 -0.19
CA LYS B 64 8.18 11.36 -1.57
C LYS B 64 8.18 10.21 -2.55
N SER B 65 9.03 9.21 -2.32
CA SER B 65 9.16 8.08 -3.25
C SER B 65 8.09 7.01 -3.05
N CYS B 66 7.34 7.07 -1.95
CA CYS B 66 6.27 6.11 -1.66
C CYS B 66 6.82 4.68 -1.61
N SER B 67 7.90 4.50 -0.87
CA SER B 67 8.60 3.23 -0.78
C SER B 67 8.88 2.89 0.68
N ILE B 68 9.07 1.60 0.94
CA ILE B 68 9.45 1.10 2.26
C ILE B 68 10.75 0.32 2.09
N ARG B 69 11.78 0.73 2.81
CA ARG B 69 13.07 0.06 2.80
C ARG B 69 13.40 -0.41 4.21
N VAL B 70 13.71 -1.69 4.35
CA VAL B 70 13.97 -2.30 5.65
C VAL B 70 15.43 -2.06 6.01
N VAL B 71 15.66 -1.40 7.15
CA VAL B 71 16.99 -1.06 7.60
C VAL B 71 17.14 -1.48 9.05
N LYS B 72 18.38 -1.42 9.54
CA LYS B 72 18.68 -1.78 10.92
C LYS B 72 18.22 -0.70 11.87
N LYS B 73 17.60 -1.11 12.98
CA LYS B 73 17.08 -0.15 13.95
C LYS B 73 18.19 0.69 14.57
N THR B 74 19.34 0.06 14.84
CA THR B 74 20.46 0.78 15.45
C THR B 74 21.27 1.58 14.44
N ASP B 75 21.04 1.39 13.15
CA ASP B 75 21.78 2.10 12.11
C ASP B 75 20.94 2.09 10.85
N PRO B 76 20.09 3.10 10.67
CA PRO B 76 19.17 3.11 9.53
C PRO B 76 19.86 3.24 8.17
N ASP B 77 21.16 3.48 8.13
CA ASP B 77 21.86 3.50 6.85
C ASP B 77 22.17 2.10 6.34
N ILE B 78 22.14 1.09 7.21
CA ILE B 78 22.45 -0.27 6.80
C ILE B 78 21.17 -1.01 6.47
N SER B 79 21.13 -1.62 5.29
CA SER B 79 19.95 -2.37 4.88
C SER B 79 19.91 -3.74 5.51
N CYS B 80 18.69 -4.27 5.66
CA CYS B 80 18.48 -5.62 6.13
C CYS B 80 17.95 -6.48 4.99
N LYS B 81 18.28 -7.77 5.04
CA LYS B 81 17.82 -8.70 4.01
C LYS B 81 16.32 -8.94 4.14
N VAL B 82 15.62 -8.86 3.01
CA VAL B 82 14.18 -9.12 2.96
C VAL B 82 13.97 -10.28 2.00
N TYR B 83 13.50 -11.41 2.52
CA TYR B 83 13.19 -12.58 1.71
C TYR B 83 11.74 -12.47 1.27
N ASN B 84 11.52 -11.94 0.06
CA ASN B 84 10.17 -11.82 -0.48
C ASN B 84 9.83 -12.99 -1.39
#